data_4HTP
#
_entry.id   4HTP
#
_cell.length_a   61.210
_cell.length_b   72.830
_cell.length_c   158.050
_cell.angle_alpha   90.00
_cell.angle_beta   90.00
_cell.angle_gamma   90.00
#
_symmetry.space_group_name_H-M   'P 21 21 21'
#
loop_
_entity.id
_entity.type
_entity.pdbx_description
1 polymer 'DNA ligase 4'
2 polymer 'Protein artemis'
3 water water
#
loop_
_entity_poly.entity_id
_entity_poly.type
_entity_poly.pdbx_seq_one_letter_code
_entity_poly.pdbx_strand_id
1 'polypeptide(L)'
;MAASQTSQTVASHVPFADLCSTLERIQKSKGRAEKIRHFREFLDSWRKFHDALHKNHKDVTDSFYPAMRLILPQLERERM
AYGIKETMLAKLYIELLNLPRDGKDALKLLNYRTPTGTHGDAGDFAMIAYFVLKPRCLQKGSLTIQQVNDLLDSIASNNS
AKRKDLIKKSLLQLITQSSALEQKWLIRMIIKDLKLGVSQQTIFSVFHNDAAELHNVTTDLEKVCRQLHDPSVGLSDISI
;
A,B
2 'polypeptide(L)' DVPQWEVFFKR C,E
#
# COMPACT_ATOMS: atom_id res chain seq x y z
N SER A 7 17.81 -16.69 6.87
CA SER A 7 16.82 -16.13 5.95
C SER A 7 16.05 -14.94 6.55
N GLN A 8 15.85 -14.95 7.88
CA GLN A 8 15.09 -13.89 8.54
C GLN A 8 15.93 -12.69 8.96
N THR A 9 15.27 -11.53 9.02
CA THR A 9 15.92 -10.25 9.20
C THR A 9 15.18 -9.45 10.28
N VAL A 10 15.95 -8.77 11.13
CA VAL A 10 15.39 -7.83 12.11
C VAL A 10 14.53 -6.79 11.40
N ALA A 11 15.00 -6.28 10.26
CA ALA A 11 14.29 -5.26 9.50
C ALA A 11 12.86 -5.63 9.14
N SER A 12 12.60 -6.92 8.97
CA SER A 12 11.26 -7.40 8.60
C SER A 12 10.28 -7.31 9.76
N HIS A 13 10.80 -7.05 10.96
CA HIS A 13 9.98 -7.02 12.18
C HIS A 13 9.79 -5.62 12.74
N VAL A 14 10.54 -4.65 12.22
CA VAL A 14 10.54 -3.30 12.79
C VAL A 14 9.74 -2.34 11.91
N PRO A 15 8.68 -1.75 12.47
CA PRO A 15 7.96 -0.72 11.70
C PRO A 15 8.88 0.42 11.30
N PHE A 16 8.80 0.83 10.04
CA PHE A 16 9.45 2.04 9.57
C PHE A 16 9.12 3.22 10.48
N ALA A 17 7.89 3.22 11.00
CA ALA A 17 7.41 4.27 11.88
C ALA A 17 8.24 4.44 13.14
N ASP A 18 8.85 3.35 13.62
CA ASP A 18 9.68 3.42 14.82
C ASP A 18 11.06 4.01 14.50
N LEU A 19 11.52 3.78 13.28
CA LEU A 19 12.74 4.43 12.83
C LEU A 19 12.42 5.92 12.73
N CYS A 20 11.29 6.24 12.12
CA CYS A 20 11.00 7.62 11.82
C CYS A 20 10.73 8.42 13.08
N SER A 21 10.06 7.82 14.05
CA SER A 21 9.79 8.50 15.31
C SER A 21 11.10 8.73 16.09
N THR A 22 12.09 7.87 15.86
CA THR A 22 13.40 8.03 16.47
C THR A 22 14.13 9.22 15.83
N LEU A 23 14.13 9.27 14.51
CA LEU A 23 14.77 10.35 13.79
C LEU A 23 14.14 11.67 14.15
N GLU A 24 12.81 11.66 14.28
CA GLU A 24 12.07 12.86 14.61
C GLU A 24 12.50 13.42 15.96
N ARG A 25 12.60 12.55 16.97
CA ARG A 25 13.05 12.96 18.29
C ARG A 25 14.51 13.41 18.27
N ILE A 26 15.30 12.85 17.36
CA ILE A 26 16.70 13.23 17.26
C ILE A 26 16.79 14.64 16.71
N GLN A 27 16.15 14.84 15.56
CA GLN A 27 16.10 16.16 14.94
C GLN A 27 15.57 17.23 15.88
N LYS A 28 14.65 16.83 16.75
CA LYS A 28 13.93 17.76 17.62
C LYS A 28 14.70 18.09 18.90
N SER A 29 15.60 17.20 19.29
CA SER A 29 16.47 17.45 20.45
C SER A 29 17.41 18.62 20.18
N LYS A 30 17.62 19.44 21.21
CA LYS A 30 18.53 20.57 21.07
C LYS A 30 19.97 20.14 21.19
N GLY A 31 20.26 19.34 22.21
CA GLY A 31 21.63 18.96 22.55
C GLY A 31 22.12 17.65 21.96
N ARG A 32 23.44 17.55 21.82
CA ARG A 32 24.09 16.37 21.29
C ARG A 32 23.83 15.14 22.15
N ALA A 33 23.92 15.29 23.48
CA ALA A 33 23.73 14.16 24.37
C ALA A 33 22.34 13.56 24.22
N GLU A 34 21.35 14.41 23.96
CA GLU A 34 19.98 13.90 23.84
C GLU A 34 19.80 13.22 22.49
N LYS A 35 20.30 13.86 21.44
CA LYS A 35 20.32 13.26 20.12
C LYS A 35 20.93 11.85 20.15
N ILE A 36 22.04 11.70 20.86
CA ILE A 36 22.71 10.40 20.99
C ILE A 36 21.84 9.39 21.72
N ARG A 37 21.16 9.86 22.76
CA ARG A 37 20.37 9.01 23.61
C ARG A 37 19.20 8.37 22.85
N HIS A 38 18.51 9.17 22.04
CA HIS A 38 17.42 8.65 21.22
C HIS A 38 17.93 7.60 20.23
N PHE A 39 19.07 7.87 19.62
CA PHE A 39 19.64 6.94 18.65
C PHE A 39 20.08 5.64 19.32
N ARG A 40 20.75 5.80 20.47
CA ARG A 40 21.32 4.68 21.19
C ARG A 40 20.22 3.69 21.61
N GLU A 41 19.10 4.24 22.09
CA GLU A 41 17.94 3.45 22.48
C GLU A 41 17.44 2.54 21.34
N PHE A 42 17.32 3.09 20.13
CA PHE A 42 16.87 2.32 18.97
C PHE A 42 17.92 1.28 18.57
N LEU A 43 19.18 1.72 18.50
CA LEU A 43 20.30 0.81 18.27
C LEU A 43 20.33 -0.34 19.29
N ASP A 44 20.22 -0.03 20.59
CA ASP A 44 20.30 -1.05 21.63
C ASP A 44 19.15 -2.06 21.53
N SER A 45 17.94 -1.58 21.23
CA SER A 45 16.80 -2.49 21.07
C SER A 45 17.01 -3.39 19.87
N TRP A 46 17.47 -2.80 18.77
CA TRP A 46 17.77 -3.55 17.56
C TRP A 46 18.75 -4.70 17.86
N ARG A 47 19.75 -4.44 18.69
CA ARG A 47 20.75 -5.47 19.04
C ARG A 47 20.22 -6.56 19.99
N LYS A 48 19.36 -6.17 20.93
CA LYS A 48 18.69 -7.14 21.79
C LYS A 48 17.80 -8.05 20.97
N PHE A 49 17.00 -7.46 20.08
CA PHE A 49 16.07 -8.21 19.24
C PHE A 49 16.81 -9.14 18.28
N HIS A 50 17.93 -8.66 17.75
CA HIS A 50 18.78 -9.46 16.88
C HIS A 50 19.17 -10.75 17.59
N ASP A 51 19.56 -10.66 18.86
CA ASP A 51 20.00 -11.85 19.57
C ASP A 51 18.82 -12.79 19.83
N ALA A 52 17.64 -12.25 20.16
CA ALA A 52 16.47 -13.09 20.41
C ALA A 52 16.02 -13.76 19.13
N LEU A 53 16.04 -13.02 18.03
CA LEU A 53 15.61 -13.54 16.74
C LEU A 53 16.54 -14.62 16.19
N HIS A 54 17.83 -14.35 16.22
CA HIS A 54 18.81 -15.26 15.63
C HIS A 54 19.42 -16.19 16.68
N LYS A 55 18.68 -16.40 17.76
CA LYS A 55 19.19 -17.08 18.96
C LYS A 55 20.13 -18.26 18.65
N ASN A 56 19.58 -19.33 18.12
CA ASN A 56 20.33 -20.53 17.82
C ASN A 56 20.67 -20.71 16.33
N HIS A 57 21.20 -19.66 15.68
CA HIS A 57 21.47 -19.73 14.24
C HIS A 57 22.94 -19.62 13.93
N LYS A 58 23.30 -20.06 12.72
CA LYS A 58 24.67 -20.42 12.36
C LYS A 58 25.52 -19.30 11.78
N ASP A 59 25.38 -19.09 10.48
CA ASP A 59 26.23 -18.13 9.77
C ASP A 59 25.44 -16.88 9.42
N VAL A 60 25.04 -16.13 10.45
CA VAL A 60 24.12 -15.01 10.33
C VAL A 60 24.75 -13.76 9.70
N THR A 61 24.18 -13.28 8.59
CA THR A 61 24.69 -12.08 7.94
C THR A 61 23.81 -10.83 8.21
N ASP A 62 22.71 -11.02 8.93
CA ASP A 62 21.80 -9.93 9.28
C ASP A 62 22.57 -8.91 10.13
N SER A 63 22.29 -7.64 9.92
CA SER A 63 22.87 -6.60 10.76
C SER A 63 22.00 -5.35 10.82
N PHE A 64 22.58 -4.28 11.36
CA PHE A 64 21.91 -2.99 11.50
C PHE A 64 21.87 -2.22 10.17
N TYR A 65 22.59 -2.73 9.16
CA TYR A 65 22.64 -2.09 7.83
C TYR A 65 21.30 -1.58 7.26
N PRO A 66 20.23 -2.40 7.29
CA PRO A 66 18.96 -1.89 6.74
C PRO A 66 18.46 -0.62 7.40
N ALA A 67 18.75 -0.42 8.69
CA ALA A 67 18.45 0.88 9.33
C ALA A 67 19.56 1.90 9.08
N MET A 68 20.82 1.47 9.26
CA MET A 68 21.96 2.39 9.16
C MET A 68 22.04 3.08 7.81
N ARG A 69 21.62 2.38 6.76
CA ARG A 69 21.68 2.93 5.42
C ARG A 69 20.62 4.03 5.23
N LEU A 70 19.62 4.04 6.10
CA LEU A 70 18.58 5.08 6.06
C LEU A 70 18.95 6.24 6.97
N ILE A 71 19.77 5.95 7.98
CA ILE A 71 20.19 6.94 8.96
C ILE A 71 21.37 7.76 8.44
N LEU A 72 22.24 7.11 7.67
CA LEU A 72 23.34 7.78 6.98
C LEU A 72 23.19 7.60 5.48
N PRO A 73 22.12 8.16 4.89
CA PRO A 73 21.80 7.88 3.48
C PRO A 73 22.79 8.44 2.49
N GLN A 74 23.59 9.41 2.91
CA GLN A 74 24.56 10.01 2.01
C GLN A 74 25.68 9.00 1.74
N LEU A 75 25.87 8.06 2.65
CA LEU A 75 26.82 6.98 2.47
C LEU A 75 26.26 5.79 1.70
N GLU A 76 25.08 5.92 1.13
CA GLU A 76 24.50 4.82 0.39
C GLU A 76 25.30 4.53 -0.90
N ARG A 77 25.75 3.28 -1.06
CA ARG A 77 26.52 2.90 -2.26
C ARG A 77 25.90 1.74 -3.07
N GLU A 78 25.24 0.82 -2.38
CA GLU A 78 24.60 -0.34 -3.00
C GLU A 78 23.51 0.08 -3.98
N ARG A 79 22.64 0.98 -3.55
CA ARG A 79 21.56 1.48 -4.38
C ARG A 79 22.10 2.52 -5.33
N MET A 80 21.72 2.46 -6.60
CA MET A 80 22.09 3.53 -7.52
C MET A 80 21.20 4.74 -7.23
N ALA A 81 21.41 5.84 -7.97
CA ALA A 81 20.59 7.03 -7.81
C ALA A 81 19.10 6.72 -8.02
N TYR A 82 18.25 7.47 -7.33
CA TYR A 82 16.80 7.29 -7.41
C TYR A 82 16.20 8.01 -8.61
N GLY A 83 16.79 9.13 -9.00
CA GLY A 83 16.26 9.92 -10.10
C GLY A 83 15.04 10.72 -9.68
N ILE A 84 14.98 11.08 -8.41
CA ILE A 84 13.81 11.78 -7.87
C ILE A 84 14.13 13.21 -7.45
N LYS A 85 13.41 14.16 -8.05
CA LYS A 85 13.56 15.58 -7.75
C LYS A 85 12.37 16.08 -6.91
N GLU A 86 12.62 17.00 -5.99
CA GLU A 86 11.55 17.62 -5.22
C GLU A 86 10.44 18.19 -6.09
N THR A 87 10.80 18.70 -7.26
CA THR A 87 9.80 19.28 -8.16
C THR A 87 8.81 18.23 -8.68
N MET A 88 9.26 16.98 -8.80
CA MET A 88 8.37 15.95 -9.30
C MET A 88 7.56 15.28 -8.18
N LEU A 89 8.09 15.30 -6.96
CA LEU A 89 7.31 14.85 -5.79
C LEU A 89 6.11 15.78 -5.60
N ALA A 90 6.35 17.08 -5.81
CA ALA A 90 5.28 18.08 -5.78
C ALA A 90 4.15 17.70 -6.73
N LYS A 91 4.51 17.39 -7.96
CA LYS A 91 3.54 17.00 -8.96
C LYS A 91 2.86 15.69 -8.58
N LEU A 92 3.62 14.76 -8.01
CA LEU A 92 3.06 13.48 -7.62
C LEU A 92 2.00 13.65 -6.52
N TYR A 93 2.27 14.54 -5.57
CA TYR A 93 1.32 14.81 -4.49
C TYR A 93 0.07 15.55 -4.99
N ILE A 94 0.26 16.53 -5.88
CA ILE A 94 -0.87 17.29 -6.41
C ILE A 94 -1.83 16.35 -7.14
N GLU A 95 -1.27 15.44 -7.92
CA GLU A 95 -2.07 14.44 -8.61
C GLU A 95 -2.71 13.47 -7.61
N LEU A 96 -1.88 12.88 -6.76
CA LEU A 96 -2.36 11.88 -5.79
C LEU A 96 -3.45 12.41 -4.88
N LEU A 97 -3.25 13.61 -4.33
CA LEU A 97 -4.12 14.16 -3.31
C LEU A 97 -5.29 14.91 -3.90
N ASN A 98 -5.41 14.86 -5.22
CA ASN A 98 -6.41 15.65 -5.96
C ASN A 98 -6.41 17.13 -5.60
N LEU A 99 -5.23 17.70 -5.41
CA LEU A 99 -5.11 19.12 -5.10
C LEU A 99 -5.50 19.96 -6.30
N PRO A 100 -6.38 20.97 -6.08
CA PRO A 100 -6.64 22.02 -7.05
C PRO A 100 -5.42 22.92 -7.10
N ARG A 101 -4.94 23.29 -8.29
CA ARG A 101 -3.68 24.00 -8.41
C ARG A 101 -3.75 25.46 -7.95
N ASP A 102 -4.98 25.97 -7.83
CA ASP A 102 -5.24 27.27 -7.22
C ASP A 102 -5.36 27.17 -5.71
N GLY A 103 -5.34 25.94 -5.19
CA GLY A 103 -5.53 25.68 -3.76
C GLY A 103 -4.30 26.03 -2.94
N LYS A 104 -4.47 26.18 -1.63
CA LYS A 104 -3.33 26.60 -0.81
C LYS A 104 -2.23 25.54 -0.71
N ASP A 105 -2.61 24.27 -0.55
CA ASP A 105 -1.62 23.20 -0.43
C ASP A 105 -0.85 23.00 -1.72
N ALA A 106 -1.56 22.97 -2.84
CA ALA A 106 -0.91 22.89 -4.15
C ALA A 106 0.13 24.00 -4.30
N LEU A 107 -0.25 25.24 -4.01
CA LEU A 107 0.69 26.34 -4.13
C LEU A 107 1.93 26.16 -3.28
N LYS A 108 1.79 25.69 -2.03
CA LYS A 108 2.96 25.49 -1.18
C LYS A 108 3.96 24.51 -1.82
N LEU A 109 3.44 23.44 -2.39
CA LEU A 109 4.26 22.43 -3.04
C LEU A 109 4.92 23.00 -4.31
N LEU A 110 4.14 23.72 -5.11
CA LEU A 110 4.62 24.29 -6.38
C LEU A 110 5.64 25.42 -6.18
N ASN A 111 5.38 26.28 -5.20
CA ASN A 111 6.23 27.45 -4.96
C ASN A 111 7.37 27.13 -4.02
N TYR A 112 7.89 25.91 -4.08
CA TYR A 112 9.01 25.55 -3.22
C TYR A 112 10.34 25.86 -3.89
N GLY A 123 13.52 23.78 7.18
CA GLY A 123 12.31 24.07 6.41
C GLY A 123 12.32 23.53 5.00
N ASP A 124 12.85 22.32 4.81
CA ASP A 124 13.00 21.74 3.48
C ASP A 124 11.70 21.32 2.79
N PHE A 125 11.83 20.60 1.68
CA PHE A 125 10.64 20.11 0.99
C PHE A 125 9.90 19.12 1.85
N ALA A 126 10.64 18.23 2.50
CA ALA A 126 10.07 17.21 3.40
C ALA A 126 9.09 17.81 4.41
N MET A 127 9.45 18.95 4.99
CA MET A 127 8.57 19.64 5.94
C MET A 127 7.33 20.21 5.30
N ILE A 128 7.43 20.73 4.08
CA ILE A 128 6.24 21.24 3.41
C ILE A 128 5.25 20.12 3.16
N ALA A 129 5.76 19.00 2.64
CA ALA A 129 4.96 17.82 2.40
C ALA A 129 4.34 17.38 3.72
N TYR A 130 5.16 17.36 4.76
CA TYR A 130 4.69 17.00 6.09
C TYR A 130 3.48 17.85 6.55
N PHE A 131 3.55 19.17 6.39
CA PHE A 131 2.43 20.02 6.80
C PHE A 131 1.19 19.72 5.97
N VAL A 132 1.41 19.39 4.69
CA VAL A 132 0.29 19.13 3.79
C VAL A 132 -0.40 17.82 4.11
N LEU A 133 0.38 16.81 4.47
CA LEU A 133 -0.14 15.45 4.66
C LEU A 133 -0.73 15.25 6.05
N LYS A 134 -0.22 16.00 7.02
CA LYS A 134 -0.56 15.81 8.42
C LYS A 134 -2.05 15.79 8.73
N PRO A 135 -2.83 16.76 8.21
CA PRO A 135 -4.27 16.69 8.51
C PRO A 135 -5.02 15.62 7.74
N ARG A 136 -4.37 14.93 6.80
CA ARG A 136 -5.08 14.04 5.88
C ARG A 136 -5.09 12.57 6.23
N CYS A 137 -6.23 11.94 5.92
CA CYS A 137 -6.41 10.48 5.85
C CYS A 137 -5.63 9.63 6.86
N LEU A 138 -4.76 8.77 6.32
CA LEU A 138 -3.92 7.86 7.07
C LEU A 138 -3.06 8.51 8.16
N GLN A 139 -3.22 8.06 9.39
CA GLN A 139 -2.44 8.57 10.52
C GLN A 139 -1.41 7.56 11.06
N LYS A 140 -1.60 6.28 10.73
CA LYS A 140 -0.70 5.22 11.20
C LYS A 140 -0.21 4.36 10.03
N GLY A 141 1.12 4.30 9.84
CA GLY A 141 1.70 3.54 8.73
C GLY A 141 1.69 2.04 8.92
N SER A 142 2.11 1.29 7.91
CA SER A 142 2.00 -0.17 7.95
C SER A 142 3.30 -0.85 7.53
N LEU A 143 4.16 -0.11 6.85
CA LEU A 143 5.38 -0.69 6.29
C LEU A 143 6.45 -0.99 7.34
N THR A 144 7.19 -2.08 7.11
CA THR A 144 8.37 -2.37 7.90
C THR A 144 9.60 -1.75 7.27
N ILE A 145 10.72 -1.73 7.99
CA ILE A 145 11.96 -1.18 7.47
C ILE A 145 12.40 -1.95 6.23
N GLN A 146 12.22 -3.27 6.26
CA GLN A 146 12.57 -4.12 5.12
C GLN A 146 11.79 -3.74 3.86
N GLN A 147 10.47 -3.62 4.01
CA GLN A 147 9.60 -3.27 2.89
C GLN A 147 9.96 -1.93 2.28
N VAL A 148 10.26 -0.96 3.14
CA VAL A 148 10.74 0.34 2.68
C VAL A 148 12.02 0.17 1.86
N ASN A 149 12.98 -0.60 2.36
CA ASN A 149 14.21 -0.86 1.63
C ASN A 149 13.97 -1.59 0.30
N ASP A 150 13.10 -2.61 0.30
CA ASP A 150 12.77 -3.33 -0.92
C ASP A 150 12.20 -2.37 -1.97
N LEU A 151 11.37 -1.44 -1.54
CA LEU A 151 10.77 -0.46 -2.44
C LEU A 151 11.75 0.60 -2.94
N LEU A 152 12.66 1.05 -2.07
CA LEU A 152 13.72 1.97 -2.51
C LEU A 152 14.63 1.28 -3.53
N ASP A 153 14.87 -0.02 -3.32
CA ASP A 153 15.57 -0.84 -4.30
C ASP A 153 14.91 -0.85 -5.68
N SER A 154 13.58 -1.00 -5.73
CA SER A 154 12.86 -1.02 -7.00
C SER A 154 13.00 0.31 -7.68
N ILE A 155 12.93 1.38 -6.90
CA ILE A 155 13.00 2.71 -7.43
C ILE A 155 14.36 2.96 -8.09
N ALA A 156 15.43 2.61 -7.38
CA ALA A 156 16.78 2.76 -7.91
C ALA A 156 17.00 1.93 -9.19
N SER A 157 16.60 0.66 -9.17
CA SER A 157 16.68 -0.19 -10.36
C SER A 157 15.91 0.40 -11.53
N ASN A 158 14.70 0.85 -11.27
CA ASN A 158 13.87 1.36 -12.34
C ASN A 158 14.34 2.71 -12.88
N ASN A 159 15.15 3.42 -12.09
CA ASN A 159 15.80 4.61 -12.60
C ASN A 159 16.91 4.21 -13.58
N SER A 160 17.67 3.19 -13.22
CA SER A 160 18.70 2.64 -14.10
C SER A 160 18.07 2.09 -15.40
N ALA A 161 17.00 1.32 -15.25
CA ALA A 161 16.26 0.75 -16.37
C ALA A 161 15.49 1.79 -17.20
N LYS A 162 15.55 3.05 -16.77
CA LYS A 162 14.84 4.15 -17.44
C LYS A 162 13.33 3.94 -17.48
N ARG A 163 12.79 3.36 -16.40
CA ARG A 163 11.35 3.10 -16.28
C ARG A 163 10.63 4.05 -15.32
N LYS A 164 10.38 5.28 -15.77
CA LYS A 164 9.76 6.32 -14.93
C LYS A 164 8.35 5.96 -14.46
N ASP A 165 7.68 5.08 -15.20
CA ASP A 165 6.34 4.64 -14.83
C ASP A 165 6.37 3.68 -13.63
N LEU A 166 7.35 2.78 -13.63
CA LEU A 166 7.52 1.83 -12.54
C LEU A 166 8.04 2.53 -11.29
N ILE A 167 8.76 3.63 -11.50
CA ILE A 167 9.22 4.47 -10.42
C ILE A 167 8.03 5.13 -9.73
N LYS A 168 7.12 5.69 -10.53
CA LYS A 168 5.93 6.32 -9.99
C LYS A 168 5.09 5.32 -9.20
N LYS A 169 4.94 4.12 -9.74
CA LYS A 169 4.16 3.09 -9.03
C LYS A 169 4.79 2.72 -7.69
N SER A 170 6.10 2.48 -7.69
CA SER A 170 6.78 2.09 -6.46
C SER A 170 6.71 3.18 -5.39
N LEU A 171 6.91 4.41 -5.83
CA LEU A 171 6.85 5.59 -4.96
C LEU A 171 5.45 5.73 -4.39
N LEU A 172 4.46 5.52 -5.23
CA LEU A 172 3.05 5.55 -4.84
C LEU A 172 2.71 4.51 -3.76
N GLN A 173 3.32 3.33 -3.85
CA GLN A 173 3.21 2.32 -2.81
C GLN A 173 3.80 2.79 -1.50
N LEU A 174 4.96 3.43 -1.58
CA LEU A 174 5.66 3.90 -0.39
C LEU A 174 4.84 4.99 0.28
N ILE A 175 4.39 5.96 -0.53
CA ILE A 175 3.68 7.14 -0.04
C ILE A 175 2.30 6.83 0.56
N THR A 176 1.48 6.07 -0.17
CA THR A 176 0.09 5.84 0.22
C THR A 176 -0.04 4.98 1.46
N GLN A 177 0.92 4.11 1.73
CA GLN A 177 0.84 3.22 2.89
C GLN A 177 1.60 3.78 4.10
N SER A 178 1.89 5.08 4.10
CA SER A 178 2.71 5.69 5.16
C SER A 178 2.08 6.94 5.73
N SER A 179 2.33 7.19 7.01
CA SER A 179 1.82 8.37 7.68
C SER A 179 2.60 9.59 7.19
N ALA A 180 2.15 10.78 7.57
CA ALA A 180 2.85 12.00 7.19
C ALA A 180 4.28 12.02 7.72
N LEU A 181 4.49 11.50 8.93
CA LEU A 181 5.82 11.57 9.53
C LEU A 181 6.77 10.66 8.79
N GLU A 182 6.27 9.48 8.42
CA GLU A 182 7.09 8.53 7.69
C GLU A 182 7.45 9.09 6.32
N GLN A 183 6.51 9.81 5.73
CA GLN A 183 6.71 10.38 4.39
C GLN A 183 7.70 11.53 4.42
N LYS A 184 7.62 12.35 5.46
CA LYS A 184 8.62 13.39 5.69
C LYS A 184 10.01 12.75 5.69
N TRP A 185 10.16 11.70 6.48
CA TRP A 185 11.46 11.08 6.66
C TRP A 185 11.92 10.29 5.44
N LEU A 186 10.98 9.60 4.80
CA LEU A 186 11.27 8.93 3.55
C LEU A 186 11.81 9.92 2.50
N ILE A 187 11.15 11.06 2.36
CA ILE A 187 11.60 12.10 1.42
C ILE A 187 13.05 12.50 1.67
N ARG A 188 13.37 12.75 2.94
CA ARG A 188 14.74 13.08 3.33
C ARG A 188 15.72 11.94 3.07
N MET A 189 15.26 10.70 3.18
CA MET A 189 16.11 9.55 2.87
C MET A 189 16.45 9.48 1.38
N ILE A 190 15.47 9.77 0.55
CA ILE A 190 15.62 9.81 -0.91
C ILE A 190 16.50 10.98 -1.41
N ILE A 191 16.33 12.16 -0.80
CA ILE A 191 17.16 13.33 -1.09
C ILE A 191 18.57 13.21 -0.48
N LYS A 192 18.69 12.34 0.52
CA LYS A 192 19.96 12.05 1.20
C LYS A 192 20.48 13.20 2.05
N ASP A 193 19.58 13.75 2.86
CA ASP A 193 19.94 14.83 3.77
C ASP A 193 18.92 14.83 4.91
N LEU A 194 19.28 14.19 6.01
CA LEU A 194 18.38 14.04 7.13
C LEU A 194 18.24 15.30 8.01
N LYS A 195 19.29 16.12 8.05
CA LYS A 195 19.28 17.32 8.90
C LYS A 195 19.03 16.96 10.35
N LEU A 196 19.74 15.93 10.83
CA LEU A 196 19.59 15.47 12.21
C LEU A 196 20.20 16.39 13.26
N GLY A 197 21.27 17.11 12.90
CA GLY A 197 22.03 17.88 13.88
C GLY A 197 23.07 17.07 14.67
N VAL A 198 23.42 15.89 14.18
CA VAL A 198 24.47 15.05 14.76
C VAL A 198 25.31 14.56 13.59
N SER A 199 26.62 14.63 13.74
CA SER A 199 27.49 14.25 12.64
C SER A 199 27.50 12.75 12.38
N GLN A 200 27.96 12.41 11.18
CA GLN A 200 28.26 11.05 10.80
C GLN A 200 29.34 10.42 11.72
N GLN A 201 30.33 11.21 12.12
CA GLN A 201 31.38 10.71 13.00
C GLN A 201 30.81 10.38 14.37
N THR A 202 29.84 11.18 14.81
CA THR A 202 29.18 10.92 16.09
C THR A 202 28.33 9.65 16.02
N ILE A 203 27.59 9.50 14.93
CA ILE A 203 26.75 8.34 14.73
C ILE A 203 27.58 7.06 14.69
N PHE A 204 28.64 7.05 13.87
CA PHE A 204 29.58 5.94 13.84
C PHE A 204 30.16 5.63 15.20
N SER A 205 30.51 6.66 15.97
CA SER A 205 31.14 6.44 17.26
C SER A 205 30.18 5.88 18.31
N VAL A 206 28.89 6.16 18.17
CA VAL A 206 27.92 5.58 19.07
C VAL A 206 27.73 4.10 18.73
N PHE A 207 27.65 3.83 17.44
CA PHE A 207 27.47 2.47 16.94
C PHE A 207 28.61 1.53 17.38
N HIS A 208 29.85 1.94 17.09
CA HIS A 208 31.00 1.13 17.46
C HIS A 208 32.26 1.99 17.47
N ASN A 209 33.12 1.80 18.48
CA ASN A 209 34.38 2.56 18.59
C ASN A 209 35.17 2.57 17.30
N ASP A 210 35.20 1.43 16.62
CA ASP A 210 35.99 1.23 15.42
C ASP A 210 35.27 1.55 14.11
N ALA A 211 33.98 1.90 14.17
CA ALA A 211 33.17 2.00 12.95
C ALA A 211 33.62 3.08 11.97
N ALA A 212 34.00 4.24 12.50
CA ALA A 212 34.47 5.33 11.65
C ALA A 212 35.73 4.88 10.90
N GLU A 213 36.61 4.17 11.60
CA GLU A 213 37.84 3.67 10.99
C GLU A 213 37.51 2.65 9.89
N LEU A 214 36.64 1.70 10.17
CA LEU A 214 36.34 0.65 9.20
C LEU A 214 35.75 1.25 7.95
N HIS A 215 34.93 2.28 8.12
CA HIS A 215 34.28 2.88 6.97
C HIS A 215 35.27 3.66 6.10
N ASN A 216 36.28 4.25 6.75
CA ASN A 216 37.32 4.98 6.03
C ASN A 216 38.01 4.04 5.06
N VAL A 217 38.43 2.88 5.54
CA VAL A 217 39.13 1.93 4.68
C VAL A 217 38.21 1.21 3.66
N THR A 218 36.99 0.86 4.05
CA THR A 218 36.18 0.05 3.15
C THR A 218 35.19 0.84 2.30
N THR A 219 34.76 2.01 2.79
CA THR A 219 33.70 2.79 2.14
C THR A 219 32.45 1.89 1.95
N ASP A 220 32.25 0.98 2.91
CA ASP A 220 31.25 -0.07 2.77
C ASP A 220 30.36 -0.16 4.02
N LEU A 221 29.19 0.44 3.90
CA LEU A 221 28.31 0.57 5.06
C LEU A 221 27.83 -0.80 5.59
N GLU A 222 27.42 -1.69 4.70
CA GLU A 222 26.99 -3.04 5.11
C GLU A 222 28.12 -3.81 5.80
N LYS A 223 29.33 -3.70 5.28
CA LYS A 223 30.45 -4.43 5.89
C LYS A 223 30.69 -3.95 7.31
N VAL A 224 30.63 -2.63 7.50
CA VAL A 224 30.85 -2.04 8.82
C VAL A 224 29.82 -2.56 9.81
N CYS A 225 28.56 -2.52 9.39
CA CYS A 225 27.48 -2.94 10.27
C CYS A 225 27.58 -4.39 10.65
N ARG A 226 27.95 -5.23 9.68
CA ARG A 226 28.00 -6.66 9.91
C ARG A 226 29.26 -7.07 10.67
N GLN A 227 30.41 -6.57 10.25
CA GLN A 227 31.66 -6.87 10.94
C GLN A 227 31.72 -6.29 12.36
N LEU A 228 31.18 -5.09 12.55
CA LEU A 228 31.21 -4.47 13.88
C LEU A 228 29.85 -4.54 14.59
N HIS A 229 29.10 -5.62 14.32
CA HIS A 229 27.80 -5.81 14.93
C HIS A 229 27.87 -5.87 16.45
N ASP A 230 28.95 -6.42 16.97
CA ASP A 230 29.09 -6.59 18.41
C ASP A 230 30.02 -5.51 18.96
N PRO A 231 29.48 -4.58 19.78
CA PRO A 231 30.26 -3.43 20.28
C PRO A 231 31.47 -3.83 21.14
N SER A 232 31.43 -5.01 21.75
CA SER A 232 32.52 -5.47 22.60
C SER A 232 33.59 -6.23 21.81
N VAL A 233 33.40 -6.38 20.51
CA VAL A 233 34.38 -7.09 19.68
C VAL A 233 34.91 -6.17 18.61
N GLY A 234 36.19 -5.82 18.74
CA GLY A 234 36.81 -4.79 17.93
C GLY A 234 37.41 -5.27 16.64
N LEU A 235 37.81 -4.31 15.81
CA LEU A 235 38.52 -4.58 14.56
C LEU A 235 39.73 -5.51 14.74
N SER A 236 40.42 -5.36 15.86
CA SER A 236 41.63 -6.15 16.14
C SER A 236 41.33 -7.65 16.35
N ASP A 237 40.07 -7.98 16.64
CA ASP A 237 39.64 -9.38 16.73
C ASP A 237 38.74 -9.70 15.55
N GLN B 8 -1.03 -11.71 -19.83
CA GLN B 8 -1.49 -10.42 -20.33
C GLN B 8 -3.02 -10.26 -20.22
N THR B 9 -3.47 -9.29 -19.42
CA THR B 9 -4.89 -9.17 -19.06
C THR B 9 -5.43 -7.75 -19.08
N VAL B 10 -6.71 -7.62 -19.38
CA VAL B 10 -7.38 -6.33 -19.37
C VAL B 10 -7.41 -5.75 -17.94
N ALA B 11 -7.77 -6.58 -16.96
CA ALA B 11 -7.86 -6.15 -15.56
C ALA B 11 -6.57 -5.48 -15.04
N SER B 12 -5.42 -5.84 -15.59
CA SER B 12 -4.15 -5.26 -15.18
C SER B 12 -3.99 -3.85 -15.70
N HIS B 13 -4.90 -3.44 -16.58
CA HIS B 13 -4.86 -2.13 -17.20
C HIS B 13 -5.98 -1.21 -16.74
N VAL B 14 -6.95 -1.78 -16.02
CA VAL B 14 -8.12 -1.02 -15.63
C VAL B 14 -8.02 -0.68 -14.16
N PRO B 15 -7.96 0.61 -13.86
CA PRO B 15 -7.93 1.04 -12.46
C PRO B 15 -9.21 0.62 -11.74
N PHE B 16 -9.07 0.10 -10.52
CA PHE B 16 -10.21 -0.27 -9.71
C PHE B 16 -11.15 0.92 -9.60
N ALA B 17 -10.58 2.14 -9.66
CA ALA B 17 -11.37 3.36 -9.62
C ALA B 17 -12.45 3.45 -10.70
N ASP B 18 -12.17 2.93 -11.89
CA ASP B 18 -13.14 3.00 -13.00
C ASP B 18 -14.30 2.02 -12.82
N LEU B 19 -14.02 0.84 -12.26
CA LEU B 19 -15.06 -0.08 -11.87
C LEU B 19 -15.96 0.54 -10.80
N CYS B 20 -15.33 1.18 -9.81
CA CYS B 20 -16.05 1.77 -8.69
C CYS B 20 -16.88 3.01 -9.08
N SER B 21 -16.37 3.83 -9.98
CA SER B 21 -17.18 4.95 -10.44
C SER B 21 -18.41 4.46 -11.21
N THR B 22 -18.25 3.35 -11.95
CA THR B 22 -19.40 2.78 -12.64
C THR B 22 -20.43 2.29 -11.63
N LEU B 23 -19.99 1.52 -10.64
CA LEU B 23 -20.90 1.02 -9.62
C LEU B 23 -21.58 2.16 -8.90
N GLU B 24 -20.83 3.21 -8.62
CA GLU B 24 -21.41 4.35 -7.92
C GLU B 24 -22.53 4.98 -8.76
N ARG B 25 -22.26 5.16 -10.04
CA ARG B 25 -23.25 5.68 -10.98
C ARG B 25 -24.46 4.77 -11.13
N ILE B 26 -24.24 3.47 -11.13
CA ILE B 26 -25.36 2.54 -11.20
C ILE B 26 -26.26 2.69 -9.98
N GLN B 27 -25.66 2.59 -8.79
CA GLN B 27 -26.42 2.67 -7.54
C GLN B 27 -27.16 3.99 -7.42
N LYS B 28 -26.55 5.07 -7.90
CA LYS B 28 -27.14 6.40 -7.81
C LYS B 28 -28.24 6.65 -8.83
N SER B 29 -28.13 6.03 -10.00
CA SER B 29 -29.19 6.18 -11.01
C SER B 29 -30.52 5.60 -10.50
N LYS B 30 -31.61 6.32 -10.74
CA LYS B 30 -32.91 5.95 -10.22
C LYS B 30 -33.66 4.93 -11.08
N GLY B 31 -33.46 4.99 -12.39
CA GLY B 31 -34.18 4.13 -13.31
C GLY B 31 -33.37 2.94 -13.80
N ARG B 32 -34.07 1.86 -14.09
CA ARG B 32 -33.49 0.66 -14.68
C ARG B 32 -32.66 0.99 -15.91
N ALA B 33 -33.21 1.81 -16.79
CA ALA B 33 -32.52 2.14 -18.03
C ALA B 33 -31.17 2.81 -17.79
N GLU B 34 -31.14 3.75 -16.85
CA GLU B 34 -29.91 4.50 -16.61
C GLU B 34 -28.85 3.58 -16.00
N LYS B 35 -29.29 2.75 -15.06
CA LYS B 35 -28.45 1.73 -14.45
C LYS B 35 -27.82 0.81 -15.51
N ILE B 36 -28.64 0.27 -16.40
CA ILE B 36 -28.14 -0.61 -17.43
C ILE B 36 -27.12 0.12 -18.28
N ARG B 37 -27.41 1.38 -18.63
CA ARG B 37 -26.52 2.15 -19.50
C ARG B 37 -25.11 2.23 -18.91
N HIS B 38 -25.04 2.56 -17.63
CA HIS B 38 -23.76 2.72 -16.95
C HIS B 38 -22.95 1.44 -16.96
N PHE B 39 -23.62 0.33 -16.68
CA PHE B 39 -22.95 -0.96 -16.73
C PHE B 39 -22.51 -1.28 -18.15
N ARG B 40 -23.38 -0.96 -19.11
CA ARG B 40 -23.12 -1.28 -20.51
C ARG B 40 -21.96 -0.50 -21.11
N GLU B 41 -21.73 0.72 -20.65
CA GLU B 41 -20.59 1.50 -21.13
C GLU B 41 -19.28 0.89 -20.66
N PHE B 42 -19.24 0.50 -19.38
CA PHE B 42 -18.07 -0.15 -18.78
C PHE B 42 -17.78 -1.46 -19.51
N LEU B 43 -18.81 -2.28 -19.64
CA LEU B 43 -18.71 -3.56 -20.32
C LEU B 43 -18.19 -3.43 -21.76
N ASP B 44 -18.76 -2.47 -22.51
CA ASP B 44 -18.34 -2.25 -23.90
C ASP B 44 -16.91 -1.74 -23.99
N SER B 45 -16.54 -0.76 -23.17
CA SER B 45 -15.15 -0.26 -23.15
C SER B 45 -14.20 -1.40 -22.89
N TRP B 46 -14.62 -2.30 -22.01
CA TRP B 46 -13.81 -3.46 -21.68
C TRP B 46 -13.62 -4.33 -22.92
N ARG B 47 -14.74 -4.70 -23.54
CA ARG B 47 -14.70 -5.57 -24.72
C ARG B 47 -13.86 -4.99 -25.85
N LYS B 48 -14.02 -3.68 -26.07
CA LYS B 48 -13.30 -2.98 -27.10
C LYS B 48 -11.81 -2.94 -26.78
N PHE B 49 -11.48 -2.60 -25.55
CA PHE B 49 -10.08 -2.62 -25.12
C PHE B 49 -9.55 -4.04 -25.16
N HIS B 50 -10.40 -5.00 -24.83
CA HIS B 50 -9.99 -6.39 -24.88
C HIS B 50 -9.53 -6.75 -26.29
N ASP B 51 -10.31 -6.36 -27.30
CA ASP B 51 -9.97 -6.71 -28.67
C ASP B 51 -8.65 -6.09 -29.08
N ALA B 52 -8.44 -4.83 -28.72
CA ALA B 52 -7.21 -4.10 -29.05
C ALA B 52 -5.97 -4.67 -28.36
N LEU B 53 -6.19 -5.41 -27.28
CA LEU B 53 -5.10 -5.99 -26.51
C LEU B 53 -4.74 -7.36 -27.02
N HIS B 54 -5.76 -8.14 -27.40
CA HIS B 54 -5.57 -9.54 -27.78
C HIS B 54 -5.85 -9.88 -29.27
N LYS B 55 -5.89 -8.89 -30.15
CA LYS B 55 -6.33 -9.13 -31.53
C LYS B 55 -5.42 -10.10 -32.30
N ASN B 56 -4.12 -10.04 -32.05
CA ASN B 56 -3.18 -10.89 -32.75
C ASN B 56 -2.70 -12.10 -31.96
N HIS B 57 -3.47 -12.50 -30.95
CA HIS B 57 -3.06 -13.60 -30.06
C HIS B 57 -3.91 -14.86 -30.18
N LYS B 58 -3.31 -15.99 -29.83
CA LYS B 58 -3.81 -17.32 -30.19
C LYS B 58 -5.00 -17.81 -29.35
N ASP B 59 -4.71 -18.34 -28.16
CA ASP B 59 -5.74 -18.95 -27.33
C ASP B 59 -6.02 -18.07 -26.12
N VAL B 60 -6.80 -17.03 -26.32
CA VAL B 60 -7.06 -16.09 -25.25
C VAL B 60 -8.03 -16.63 -24.21
N THR B 61 -7.59 -16.66 -22.97
CA THR B 61 -8.39 -17.12 -21.85
C THR B 61 -8.86 -15.93 -21.02
N ASP B 62 -8.32 -14.75 -21.31
CA ASP B 62 -8.69 -13.56 -20.57
C ASP B 62 -10.14 -13.21 -20.82
N SER B 63 -10.83 -12.71 -19.81
CA SER B 63 -12.23 -12.35 -19.95
C SER B 63 -12.64 -11.22 -19.02
N PHE B 64 -13.94 -11.06 -18.88
CA PHE B 64 -14.53 -9.97 -18.10
C PHE B 64 -14.64 -10.40 -16.65
N TYR B 65 -14.39 -11.69 -16.43
CA TYR B 65 -14.47 -12.31 -15.11
C TYR B 65 -13.85 -11.54 -13.93
N PRO B 66 -12.63 -10.97 -14.07
CA PRO B 66 -12.04 -10.22 -12.95
C PRO B 66 -12.93 -9.08 -12.46
N ALA B 67 -13.64 -8.45 -13.40
CA ALA B 67 -14.65 -7.44 -13.08
C ALA B 67 -15.97 -8.08 -12.63
N MET B 68 -16.50 -9.02 -13.41
CA MET B 68 -17.78 -9.65 -13.08
C MET B 68 -17.85 -10.25 -11.66
N ARG B 69 -16.78 -10.92 -11.24
CA ARG B 69 -16.75 -11.53 -9.91
C ARG B 69 -16.84 -10.49 -8.79
N LEU B 70 -16.53 -9.23 -9.11
CA LEU B 70 -16.66 -8.13 -8.15
C LEU B 70 -18.01 -7.46 -8.30
N ILE B 71 -18.60 -7.56 -9.48
CA ILE B 71 -19.90 -6.95 -9.73
C ILE B 71 -20.99 -7.87 -9.20
N LEU B 72 -20.72 -9.18 -9.21
CA LEU B 72 -21.64 -10.18 -8.68
C LEU B 72 -20.97 -11.00 -7.55
N PRO B 73 -20.56 -10.31 -6.46
CA PRO B 73 -19.70 -10.98 -5.48
C PRO B 73 -20.37 -12.17 -4.80
N GLN B 74 -21.70 -12.17 -4.74
CA GLN B 74 -22.43 -13.25 -4.08
C GLN B 74 -22.34 -14.56 -4.87
N LEU B 75 -21.77 -14.52 -6.08
CA LEU B 75 -21.54 -15.71 -6.89
C LEU B 75 -20.08 -16.15 -6.89
N GLU B 76 -19.24 -15.55 -6.04
CA GLU B 76 -17.85 -15.92 -5.97
C GLU B 76 -17.70 -17.31 -5.39
N ARG B 77 -17.08 -18.22 -6.16
CA ARG B 77 -16.90 -19.61 -5.72
C ARG B 77 -15.43 -20.03 -5.70
N GLU B 78 -14.58 -19.25 -6.37
CA GLU B 78 -13.16 -19.58 -6.48
C GLU B 78 -12.43 -19.19 -5.20
N ARG B 79 -12.67 -17.97 -4.72
CA ARG B 79 -12.20 -17.56 -3.41
C ARG B 79 -13.08 -18.17 -2.34
N MET B 80 -12.45 -18.64 -1.25
CA MET B 80 -13.19 -19.06 -0.08
C MET B 80 -13.70 -17.85 0.70
N ALA B 81 -14.20 -18.07 1.90
CA ALA B 81 -14.64 -16.97 2.75
C ALA B 81 -13.48 -16.03 3.11
N TYR B 82 -13.80 -14.79 3.45
CA TYR B 82 -12.80 -13.77 3.76
C TYR B 82 -12.54 -13.69 5.25
N GLY B 83 -13.59 -13.91 6.05
CA GLY B 83 -13.47 -13.89 7.49
C GLY B 83 -13.45 -12.48 8.03
N ILE B 84 -13.99 -11.55 7.26
CA ILE B 84 -13.99 -10.16 7.68
C ILE B 84 -15.38 -9.76 8.16
N LYS B 85 -15.45 -9.32 9.41
CA LYS B 85 -16.71 -8.88 9.98
C LYS B 85 -16.71 -7.36 10.01
N GLU B 86 -17.89 -6.75 9.99
CA GLU B 86 -18.00 -5.31 10.13
C GLU B 86 -17.31 -4.75 11.38
N THR B 87 -17.33 -5.51 12.47
CA THR B 87 -16.80 -5.06 13.75
C THR B 87 -15.28 -4.90 13.67
N MET B 88 -14.62 -5.85 13.03
CA MET B 88 -13.19 -5.75 12.81
C MET B 88 -12.81 -4.52 11.96
N LEU B 89 -13.51 -4.32 10.85
CA LEU B 89 -13.29 -3.15 10.01
C LEU B 89 -13.43 -1.84 10.78
N ALA B 90 -14.40 -1.81 11.70
CA ALA B 90 -14.59 -0.64 12.56
C ALA B 90 -13.34 -0.35 13.38
N LYS B 91 -12.77 -1.38 13.98
CA LYS B 91 -11.54 -1.26 14.77
C LYS B 91 -10.38 -0.87 13.85
N LEU B 92 -10.24 -1.61 12.74
CA LEU B 92 -9.21 -1.34 11.74
C LEU B 92 -9.20 0.14 11.34
N TYR B 93 -10.37 0.70 11.08
CA TYR B 93 -10.45 2.10 10.69
C TYR B 93 -10.16 3.08 11.83
N ILE B 94 -10.57 2.75 13.05
CA ILE B 94 -10.28 3.62 14.17
C ILE B 94 -8.77 3.70 14.43
N GLU B 95 -8.11 2.54 14.42
CA GLU B 95 -6.65 2.49 14.52
C GLU B 95 -5.98 3.29 13.40
N LEU B 96 -6.41 3.01 12.18
CA LEU B 96 -5.82 3.56 10.97
C LEU B 96 -5.98 5.08 10.88
N LEU B 97 -7.18 5.58 11.07
CA LEU B 97 -7.41 7.02 11.02
C LEU B 97 -7.08 7.72 12.34
N ASN B 98 -6.59 6.95 13.31
CA ASN B 98 -6.34 7.47 14.65
C ASN B 98 -7.57 8.20 15.16
N LEU B 99 -8.69 7.48 15.23
CA LEU B 99 -9.90 8.10 15.68
C LEU B 99 -9.95 8.10 17.22
N PRO B 100 -10.39 9.22 17.80
CA PRO B 100 -10.67 9.29 19.23
C PRO B 100 -11.73 8.24 19.53
N ARG B 101 -11.40 7.20 20.30
CA ARG B 101 -12.27 6.02 20.43
C ARG B 101 -13.65 6.33 21.03
N ASP B 102 -13.81 7.55 21.54
CA ASP B 102 -15.07 7.96 22.14
C ASP B 102 -15.79 8.96 21.24
N GLY B 103 -15.11 9.41 20.18
CA GLY B 103 -15.66 10.38 19.24
C GLY B 103 -16.86 9.84 18.48
N LYS B 104 -17.50 10.69 17.70
CA LYS B 104 -18.71 10.27 16.99
C LYS B 104 -18.43 9.25 15.88
N ASP B 105 -17.46 9.54 15.01
CA ASP B 105 -17.11 8.66 13.89
C ASP B 105 -16.72 7.29 14.38
N ALA B 106 -15.89 7.25 15.42
CA ALA B 106 -15.51 6.00 16.07
C ALA B 106 -16.75 5.23 16.52
N LEU B 107 -17.69 5.93 17.17
CA LEU B 107 -18.92 5.29 17.65
C LEU B 107 -19.89 4.91 16.52
N LYS B 108 -19.97 5.77 15.49
CA LYS B 108 -20.76 5.45 14.29
C LYS B 108 -20.34 4.10 13.73
N LEU B 109 -19.04 3.91 13.62
CA LEU B 109 -18.49 2.67 13.09
C LEU B 109 -18.81 1.48 13.98
N LEU B 110 -18.54 1.63 15.28
CA LEU B 110 -18.67 0.55 16.26
C LEU B 110 -20.12 0.14 16.55
N ASN B 111 -21.04 1.10 16.46
CA ASN B 111 -22.44 0.88 16.80
C ASN B 111 -23.28 0.39 15.63
N TYR B 112 -22.66 0.22 14.46
CA TYR B 112 -23.38 -0.28 13.29
C TYR B 112 -24.07 -1.60 13.62
N ARG B 113 -25.32 -1.76 13.18
CA ARG B 113 -26.10 -2.93 13.55
C ARG B 113 -26.71 -3.69 12.36
N THR B 114 -27.55 -3.01 11.57
CA THR B 114 -28.43 -3.67 10.58
C THR B 114 -27.70 -4.59 9.59
N GLY B 123 -26.91 3.73 4.49
CA GLY B 123 -27.49 2.47 4.93
C GLY B 123 -26.51 1.53 5.61
N ASP B 124 -25.83 0.70 4.82
CA ASP B 124 -24.97 -0.35 5.36
C ASP B 124 -23.66 0.18 5.93
N PHE B 125 -22.83 -0.73 6.41
CA PHE B 125 -21.57 -0.35 7.02
C PHE B 125 -20.68 0.38 6.05
N ALA B 126 -20.69 -0.08 4.80
CA ALA B 126 -19.87 0.51 3.76
C ALA B 126 -20.16 2.00 3.62
N MET B 127 -21.44 2.36 3.73
CA MET B 127 -21.87 3.76 3.65
C MET B 127 -21.44 4.54 4.88
N ILE B 128 -21.49 3.90 6.04
CA ILE B 128 -21.02 4.53 7.27
C ILE B 128 -19.53 4.82 7.18
N ALA B 129 -18.73 3.80 6.84
CA ALA B 129 -17.29 3.98 6.64
C ALA B 129 -17.05 5.11 5.63
N TYR B 130 -17.81 5.08 4.53
CA TYR B 130 -17.67 6.11 3.50
C TYR B 130 -17.88 7.54 4.01
N PHE B 131 -18.88 7.72 4.85
CA PHE B 131 -19.17 9.06 5.37
C PHE B 131 -18.12 9.55 6.37
N VAL B 132 -17.47 8.60 7.05
CA VAL B 132 -16.29 8.91 7.85
C VAL B 132 -15.13 9.25 6.93
N LEU B 133 -14.88 8.36 5.96
CA LEU B 133 -13.75 8.53 5.05
C LEU B 133 -13.84 9.77 4.16
N LYS B 134 -15.04 10.09 3.68
CA LYS B 134 -15.20 11.10 2.63
C LYS B 134 -14.47 12.43 2.87
N PRO B 135 -14.61 13.03 4.06
CA PRO B 135 -13.93 14.32 4.28
C PRO B 135 -12.43 14.19 4.53
N ARG B 136 -12.00 13.04 5.04
CA ARG B 136 -10.58 12.84 5.41
C ARG B 136 -9.69 12.40 4.25
N CYS B 137 -10.20 11.49 3.43
CA CYS B 137 -9.43 10.86 2.37
C CYS B 137 -9.91 11.35 1.02
N LEU B 138 -9.17 12.31 0.46
CA LEU B 138 -9.59 12.99 -0.76
C LEU B 138 -8.78 12.51 -1.97
N GLN B 139 -7.85 11.59 -1.76
CA GLN B 139 -6.95 11.17 -2.82
C GLN B 139 -7.60 10.21 -3.80
N LYS B 140 -6.92 9.98 -4.90
CA LYS B 140 -7.37 9.01 -5.88
C LYS B 140 -6.67 7.72 -5.55
N GLY B 141 -7.24 6.59 -5.99
CA GLY B 141 -6.69 5.30 -5.68
C GLY B 141 -5.56 4.99 -6.62
N SER B 142 -4.91 3.84 -6.43
CA SER B 142 -3.78 3.50 -7.27
C SER B 142 -3.75 2.06 -7.75
N LEU B 143 -4.73 1.26 -7.35
CA LEU B 143 -4.73 -0.15 -7.70
C LEU B 143 -5.57 -0.44 -8.95
N THR B 144 -5.14 -1.44 -9.71
CA THR B 144 -5.93 -1.96 -10.79
C THR B 144 -6.87 -3.01 -10.25
N ILE B 145 -7.79 -3.43 -11.11
CA ILE B 145 -8.70 -4.50 -10.78
C ILE B 145 -7.94 -5.79 -10.47
N GLN B 146 -6.86 -6.03 -11.22
CA GLN B 146 -6.07 -7.23 -11.02
C GLN B 146 -5.42 -7.23 -9.65
N GLN B 147 -4.86 -6.09 -9.28
CA GLN B 147 -4.20 -5.93 -8.00
C GLN B 147 -5.20 -6.14 -6.88
N VAL B 148 -6.42 -5.65 -7.06
CA VAL B 148 -7.46 -5.85 -6.05
C VAL B 148 -7.82 -7.33 -5.92
N ASN B 149 -7.97 -8.02 -7.05
CA ASN B 149 -8.35 -9.42 -7.02
C ASN B 149 -7.25 -10.22 -6.36
N ASP B 150 -5.99 -9.87 -6.64
CA ASP B 150 -4.85 -10.54 -6.01
C ASP B 150 -4.84 -10.43 -4.48
N LEU B 151 -5.10 -9.22 -3.98
CA LEU B 151 -5.13 -8.97 -2.53
C LEU B 151 -6.32 -9.66 -1.88
N LEU B 152 -7.46 -9.73 -2.58
CA LEU B 152 -8.63 -10.44 -2.05
C LEU B 152 -8.38 -11.94 -2.03
N ASP B 153 -7.65 -12.43 -3.02
CA ASP B 153 -7.22 -13.81 -3.03
C ASP B 153 -6.37 -14.13 -1.80
N SER B 154 -5.47 -13.22 -1.44
CA SER B 154 -4.58 -13.43 -0.31
C SER B 154 -5.36 -13.42 0.99
N ILE B 155 -6.32 -12.50 1.08
CA ILE B 155 -7.17 -12.41 2.27
C ILE B 155 -7.89 -13.73 2.51
N ALA B 156 -8.40 -14.32 1.44
CA ALA B 156 -9.19 -15.54 1.56
C ALA B 156 -8.30 -16.72 1.93
N SER B 157 -7.09 -16.75 1.38
CA SER B 157 -6.12 -17.79 1.71
C SER B 157 -5.66 -17.68 3.15
N ASN B 158 -5.21 -16.49 3.52
CA ASN B 158 -4.82 -16.21 4.90
C ASN B 158 -5.96 -16.39 5.91
N ASN B 159 -7.18 -16.50 5.42
CA ASN B 159 -8.27 -16.81 6.33
C ASN B 159 -8.39 -18.32 6.43
N SER B 160 -8.10 -18.99 5.31
CA SER B 160 -8.14 -20.45 5.27
C SER B 160 -7.01 -21.01 6.12
N ALA B 161 -5.90 -20.27 6.17
CA ALA B 161 -4.72 -20.67 6.91
C ALA B 161 -4.76 -20.14 8.35
N LYS B 162 -5.89 -19.54 8.72
CA LYS B 162 -6.10 -19.04 10.08
C LYS B 162 -5.07 -17.99 10.52
N ARG B 163 -4.55 -17.23 9.57
CA ARG B 163 -3.55 -16.20 9.82
C ARG B 163 -4.18 -14.81 9.86
N LYS B 164 -4.81 -14.46 10.98
CA LYS B 164 -5.45 -13.16 11.16
C LYS B 164 -4.53 -11.97 10.94
N ASP B 165 -3.24 -12.18 11.19
CA ASP B 165 -2.27 -11.10 11.02
C ASP B 165 -2.00 -10.81 9.53
N LEU B 166 -1.89 -11.86 8.73
CA LEU B 166 -1.69 -11.71 7.30
C LEU B 166 -2.93 -11.12 6.61
N ILE B 167 -4.11 -11.43 7.15
CA ILE B 167 -5.37 -10.85 6.68
C ILE B 167 -5.31 -9.33 6.78
N LYS B 168 -4.97 -8.83 7.96
CA LYS B 168 -4.95 -7.40 8.23
C LYS B 168 -3.90 -6.72 7.37
N LYS B 169 -2.81 -7.44 7.11
CA LYS B 169 -1.73 -6.90 6.30
C LYS B 169 -2.23 -6.68 4.87
N SER B 170 -2.85 -7.71 4.30
CA SER B 170 -3.42 -7.60 2.97
C SER B 170 -4.53 -6.52 2.94
N LEU B 171 -5.39 -6.56 3.94
CA LEU B 171 -6.49 -5.62 4.04
C LEU B 171 -6.01 -4.16 4.09
N LEU B 172 -4.96 -3.90 4.85
CA LEU B 172 -4.36 -2.56 4.87
C LEU B 172 -3.74 -2.15 3.52
N GLN B 173 -3.16 -3.10 2.79
CA GLN B 173 -2.71 -2.78 1.42
C GLN B 173 -3.83 -2.31 0.48
N LEU B 174 -4.97 -2.99 0.55
CA LEU B 174 -6.16 -2.60 -0.22
C LEU B 174 -6.65 -1.23 0.20
N ILE B 175 -6.87 -1.11 1.51
CA ILE B 175 -7.43 0.10 2.08
C ILE B 175 -6.56 1.33 1.87
N THR B 176 -5.29 1.27 2.28
CA THR B 176 -4.45 2.46 2.24
C THR B 176 -4.08 2.91 0.83
N GLN B 177 -4.12 2.03 -0.15
CA GLN B 177 -3.83 2.46 -1.51
C GLN B 177 -5.10 2.78 -2.33
N SER B 178 -6.23 2.99 -1.64
CA SER B 178 -7.49 3.19 -2.34
C SER B 178 -8.21 4.46 -1.91
N SER B 179 -8.94 5.07 -2.85
CA SER B 179 -9.71 6.27 -2.57
C SER B 179 -10.83 5.96 -1.58
N ALA B 180 -11.45 7.00 -1.03
CA ALA B 180 -12.58 6.81 -0.13
C ALA B 180 -13.71 6.02 -0.81
N LEU B 181 -14.06 6.44 -2.02
CA LEU B 181 -15.11 5.77 -2.80
C LEU B 181 -14.82 4.30 -3.07
N GLU B 182 -13.57 4.01 -3.45
CA GLU B 182 -13.15 2.64 -3.75
C GLU B 182 -13.28 1.75 -2.51
N GLN B 183 -13.00 2.33 -1.35
CA GLN B 183 -13.09 1.60 -0.10
C GLN B 183 -14.53 1.23 0.23
N LYS B 184 -15.47 2.15 -0.02
CA LYS B 184 -16.88 1.83 0.14
C LYS B 184 -17.25 0.59 -0.67
N TRP B 185 -16.87 0.59 -1.95
CA TRP B 185 -17.26 -0.51 -2.82
C TRP B 185 -16.50 -1.78 -2.47
N LEU B 186 -15.25 -1.61 -2.07
CA LEU B 186 -14.41 -2.69 -1.60
C LEU B 186 -15.12 -3.45 -0.49
N ILE B 187 -15.65 -2.69 0.45
CA ILE B 187 -16.32 -3.27 1.60
C ILE B 187 -17.55 -4.08 1.16
N ARG B 188 -18.36 -3.51 0.27
CA ARG B 188 -19.52 -4.22 -0.25
C ARG B 188 -19.14 -5.51 -0.99
N MET B 189 -18.02 -5.46 -1.72
CA MET B 189 -17.51 -6.67 -2.38
C MET B 189 -17.04 -7.72 -1.39
N ILE B 190 -16.54 -7.30 -0.23
CA ILE B 190 -16.17 -8.25 0.82
C ILE B 190 -17.42 -8.82 1.52
N ILE B 191 -18.35 -7.95 1.88
CA ILE B 191 -19.61 -8.34 2.53
C ILE B 191 -20.53 -9.05 1.53
N LYS B 192 -20.22 -8.90 0.24
CA LYS B 192 -20.94 -9.54 -0.88
C LYS B 192 -22.36 -9.03 -1.10
N ASP B 193 -22.57 -7.72 -0.92
CA ASP B 193 -23.87 -7.10 -1.17
C ASP B 193 -23.65 -5.68 -1.71
N LEU B 194 -23.76 -5.52 -3.03
CA LEU B 194 -23.43 -4.25 -3.66
C LEU B 194 -24.58 -3.22 -3.57
N LYS B 195 -25.80 -3.69 -3.31
CA LYS B 195 -26.99 -2.82 -3.28
C LYS B 195 -27.11 -1.93 -4.52
N LEU B 196 -26.98 -2.54 -5.69
CA LEU B 196 -27.01 -1.80 -6.94
C LEU B 196 -28.40 -1.30 -7.33
N GLY B 197 -29.44 -1.97 -6.83
CA GLY B 197 -30.80 -1.65 -7.21
C GLY B 197 -31.14 -2.21 -8.58
N VAL B 198 -30.27 -3.08 -9.07
CA VAL B 198 -30.51 -3.79 -10.31
C VAL B 198 -30.11 -5.26 -10.09
N SER B 199 -30.92 -6.18 -10.59
CA SER B 199 -30.80 -7.58 -10.20
C SER B 199 -29.66 -8.30 -10.92
N GLN B 200 -29.33 -9.46 -10.38
CA GLN B 200 -28.32 -10.31 -10.97
C GLN B 200 -28.83 -10.81 -12.34
N GLN B 201 -30.12 -11.11 -12.41
CA GLN B 201 -30.71 -11.54 -13.68
C GLN B 201 -30.52 -10.47 -14.77
N THR B 202 -30.79 -9.21 -14.41
CA THR B 202 -30.59 -8.10 -15.34
C THR B 202 -29.13 -7.97 -15.75
N ILE B 203 -28.23 -8.03 -14.77
CA ILE B 203 -26.82 -7.89 -15.08
C ILE B 203 -26.35 -8.97 -16.06
N PHE B 204 -26.66 -10.23 -15.76
CA PHE B 204 -26.39 -11.32 -16.69
C PHE B 204 -26.97 -11.04 -18.08
N SER B 205 -28.21 -10.56 -18.13
CA SER B 205 -28.90 -10.39 -19.41
C SER B 205 -28.25 -9.30 -20.26
N VAL B 206 -27.76 -8.25 -19.61
CA VAL B 206 -26.99 -7.22 -20.28
C VAL B 206 -25.66 -7.77 -20.82
N PHE B 207 -25.00 -8.60 -20.00
CA PHE B 207 -23.73 -9.23 -20.38
C PHE B 207 -23.86 -10.10 -21.63
N HIS B 208 -24.81 -11.03 -21.57
CA HIS B 208 -25.06 -11.90 -22.69
C HIS B 208 -26.42 -12.54 -22.52
N ASN B 209 -27.17 -12.64 -23.61
CA ASN B 209 -28.51 -13.21 -23.55
C ASN B 209 -28.53 -14.61 -22.92
N ASP B 210 -27.44 -15.36 -23.10
CA ASP B 210 -27.38 -16.72 -22.56
C ASP B 210 -26.64 -16.89 -21.23
N ALA B 211 -26.17 -15.79 -20.63
CA ALA B 211 -25.34 -15.91 -19.44
C ALA B 211 -26.06 -16.56 -18.25
N ALA B 212 -27.28 -16.12 -17.96
CA ALA B 212 -28.00 -16.62 -16.80
C ALA B 212 -28.27 -18.12 -16.93
N GLU B 213 -28.65 -18.53 -18.13
CA GLU B 213 -28.76 -19.96 -18.46
C GLU B 213 -27.43 -20.68 -18.21
N LEU B 214 -26.35 -20.21 -18.83
CA LEU B 214 -25.05 -20.90 -18.69
C LEU B 214 -24.60 -20.98 -17.24
N HIS B 215 -24.93 -19.97 -16.45
CA HIS B 215 -24.54 -19.94 -15.06
C HIS B 215 -25.40 -20.92 -14.27
N ASN B 216 -26.66 -21.04 -14.65
CA ASN B 216 -27.56 -21.98 -14.00
C ASN B 216 -27.03 -23.39 -14.10
N VAL B 217 -26.48 -23.69 -15.27
CA VAL B 217 -26.04 -25.03 -15.64
C VAL B 217 -24.64 -25.36 -15.09
N THR B 218 -23.74 -24.39 -15.13
CA THR B 218 -22.35 -24.61 -14.70
C THR B 218 -22.06 -24.19 -13.26
N THR B 219 -22.63 -23.07 -12.83
CA THR B 219 -22.26 -22.43 -11.57
C THR B 219 -20.78 -22.04 -11.58
N ASP B 220 -20.29 -21.64 -12.75
CA ASP B 220 -18.90 -21.26 -12.93
C ASP B 220 -18.87 -19.90 -13.62
N LEU B 221 -18.76 -18.84 -12.81
CA LEU B 221 -18.81 -17.47 -13.33
C LEU B 221 -17.74 -17.21 -14.39
N GLU B 222 -16.56 -17.80 -14.20
CA GLU B 222 -15.47 -17.57 -15.14
C GLU B 222 -15.76 -18.24 -16.49
N LYS B 223 -16.35 -19.43 -16.45
CA LYS B 223 -16.69 -20.16 -17.67
C LYS B 223 -17.67 -19.29 -18.45
N VAL B 224 -18.65 -18.77 -17.72
CA VAL B 224 -19.65 -17.86 -18.29
C VAL B 224 -19.04 -16.67 -19.02
N CYS B 225 -18.18 -15.90 -18.36
CA CYS B 225 -17.53 -14.75 -18.98
C CYS B 225 -16.61 -15.14 -20.13
N ARG B 226 -15.93 -16.28 -19.96
CA ARG B 226 -15.01 -16.73 -20.99
C ARG B 226 -15.75 -17.31 -22.19
N GLN B 227 -16.64 -18.26 -21.96
CA GLN B 227 -17.41 -18.89 -23.04
C GLN B 227 -18.26 -17.90 -23.83
N LEU B 228 -18.86 -16.95 -23.13
CA LEU B 228 -19.84 -16.05 -23.71
C LEU B 228 -19.25 -14.67 -23.90
N HIS B 229 -17.93 -14.61 -23.98
CA HIS B 229 -17.24 -13.35 -24.16
C HIS B 229 -17.80 -12.49 -25.29
N ASP B 230 -18.17 -13.13 -26.41
CA ASP B 230 -18.72 -12.45 -27.58
C ASP B 230 -20.23 -12.45 -27.48
N PRO B 231 -20.84 -11.26 -27.41
CA PRO B 231 -22.30 -11.14 -27.20
C PRO B 231 -23.12 -11.58 -28.41
N SER B 232 -22.55 -11.52 -29.62
CA SER B 232 -23.30 -11.88 -30.82
C SER B 232 -23.18 -13.37 -31.19
N VAL B 233 -22.27 -14.07 -30.53
CA VAL B 233 -22.21 -15.52 -30.67
C VAL B 233 -23.04 -16.15 -29.56
N GLY B 234 -24.11 -16.84 -29.93
CA GLY B 234 -24.97 -17.49 -28.96
C GLY B 234 -24.33 -18.69 -28.28
N LEU B 235 -24.95 -19.15 -27.19
CA LEU B 235 -24.50 -20.34 -26.48
C LEU B 235 -24.57 -21.58 -27.38
N SER B 236 -23.51 -22.37 -27.36
CA SER B 236 -23.39 -23.56 -28.23
C SER B 236 -24.03 -24.80 -27.62
N ASP B 237 -24.23 -25.82 -28.46
CA ASP B 237 -24.72 -27.12 -28.02
C ASP B 237 -23.54 -27.96 -27.49
N ASP C 1 9.08 -19.47 18.95
CA ASP C 1 9.94 -18.64 19.79
C ASP C 1 10.25 -17.30 19.14
N VAL C 2 9.35 -16.85 18.25
CA VAL C 2 9.60 -15.59 17.52
C VAL C 2 9.30 -14.37 18.36
N PRO C 3 10.34 -13.57 18.62
CA PRO C 3 10.25 -12.38 19.48
C PRO C 3 9.39 -11.30 18.83
N GLN C 4 8.65 -10.57 19.68
CA GLN C 4 7.85 -9.44 19.23
C GLN C 4 8.65 -8.18 19.53
N TRP C 5 8.80 -7.34 18.52
CA TRP C 5 9.56 -6.11 18.63
C TRP C 5 9.07 -5.21 19.75
N GLU C 6 7.77 -5.28 20.04
CA GLU C 6 7.11 -4.33 20.93
C GLU C 6 7.54 -4.51 22.39
N VAL C 7 8.16 -5.63 22.72
CA VAL C 7 8.62 -5.84 24.09
C VAL C 7 10.12 -5.54 24.18
N PHE C 8 10.69 -5.06 23.07
CA PHE C 8 12.09 -4.66 22.98
C PHE C 8 12.23 -3.16 22.81
N PHE C 9 11.22 -2.55 22.20
CA PHE C 9 11.26 -1.13 21.87
C PHE C 9 9.86 -0.51 21.82
N LYS C 10 8.94 -1.18 21.14
CA LYS C 10 7.63 -0.57 20.87
C LYS C 10 6.47 -1.23 21.67
N PRO D 3 -1.71 -0.11 -26.12
CA PRO D 3 -2.90 0.75 -26.01
C PRO D 3 -3.13 1.20 -24.56
N GLN D 4 -3.71 2.39 -24.39
CA GLN D 4 -4.07 2.90 -23.06
C GLN D 4 -5.58 2.78 -22.81
N TRP D 5 -5.97 2.42 -21.58
CA TRP D 5 -7.38 2.23 -21.24
C TRP D 5 -8.17 3.55 -21.45
N GLU D 6 -7.41 4.62 -21.73
CA GLU D 6 -7.94 5.89 -22.26
C GLU D 6 -8.84 6.64 -21.30
#